data_5HX9
#
_entry.id   5HX9
#
_cell.length_a   41.500
_cell.length_b   63.310
_cell.length_c   99.180
_cell.angle_alpha   90.000
_cell.angle_beta   90.000
_cell.angle_gamma   90.000
#
_symmetry.space_group_name_H-M   'P 21 21 21'
#
loop_
_entity.id
_entity.type
_entity.pdbx_description
1 polymer Beta-lactamase
2 non-polymer 1,2-ETHANEDIOL
3 water water
#
_entity_poly.entity_id   1
_entity_poly.type   'polypeptide(L)'
_entity_poly.pdbx_seq_one_letter_code
;MAHHHHHHSAPIADQGRAHVARSELAALDKASNGRLGVAALDTSNGTRIAHHARERFPLCGTYAVVAAAAILARASLDAS
LLPRRILYRRYEVVAGSPVTESHVDTGMTIAQLCAAMLQSGDKGAGNLLMNVLGGPQAVTAFAHESGDTVFRLDRWEPEL
NRAAPGDERDTSTPVAMVDTLQRLLLGDTLQQAQRAQLTDWMTAGAPDATGIAAGVPPGSRVAAKRGTGGYGTTTEVAVV
WPPSRAPIVLAVSFTQAQADAAARADVVASAARIATGALTATA
;
_entity_poly.pdbx_strand_id   A
#
loop_
_chem_comp.id
_chem_comp.type
_chem_comp.name
_chem_comp.formula
EDO non-polymer 1,2-ETHANEDIOL 'C2 H6 O2'
#
# COMPACT_ATOMS: atom_id res chain seq x y z
N ALA A 18 30.21 25.09 -7.36
CA ALA A 18 29.43 25.29 -8.57
C ALA A 18 28.05 24.62 -8.48
N HIS A 19 27.13 25.08 -9.33
CA HIS A 19 25.83 24.45 -9.44
C HIS A 19 25.93 23.16 -10.25
N VAL A 20 25.26 22.12 -9.77
CA VAL A 20 25.17 20.84 -10.46
C VAL A 20 23.71 20.66 -10.87
N ALA A 21 23.45 20.72 -12.18
CA ALA A 21 22.11 20.45 -12.69
C ALA A 21 21.67 19.05 -12.30
N ARG A 22 20.46 18.94 -11.77
CA ARG A 22 19.85 17.69 -11.35
C ARG A 22 18.39 17.68 -11.75
N SER A 23 17.86 16.48 -11.94
CA SER A 23 16.41 16.31 -12.11
C SER A 23 15.70 16.66 -10.80
N GLU A 24 14.39 16.91 -10.90
CA GLU A 24 13.62 17.24 -9.71
C GLU A 24 13.71 16.15 -8.64
N LEU A 25 13.58 14.88 -9.03
CA LEU A 25 13.67 13.82 -8.02
C LEU A 25 15.09 13.68 -7.47
N ALA A 26 16.10 13.83 -8.32
CA ALA A 26 17.47 13.76 -7.81
C ALA A 26 17.72 14.87 -6.81
N ALA A 27 17.13 16.05 -7.03
CA ALA A 27 17.33 17.16 -6.10
C ALA A 27 16.59 16.91 -4.80
N LEU A 28 15.37 16.38 -4.88
CA LEU A 28 14.62 16.01 -3.68
C LEU A 28 15.37 14.96 -2.87
N ASP A 29 15.93 13.97 -3.56
CA ASP A 29 16.68 12.92 -2.87
C ASP A 29 17.86 13.53 -2.12
N LYS A 30 18.62 14.40 -2.80
CA LYS A 30 19.78 15.03 -2.18
C LYS A 30 19.37 15.84 -0.96
N ALA A 31 18.31 16.64 -1.09
CA ALA A 31 17.89 17.51 0.01
C ALA A 31 17.31 16.75 1.20
N SER A 32 16.82 15.53 1.00
CA SER A 32 16.09 14.83 2.06
C SER A 32 16.97 13.93 2.94
N ASN A 33 18.16 13.56 2.46
CA ASN A 33 19.17 12.86 3.28
C ASN A 33 18.65 11.54 3.84
N GLY A 34 17.90 10.80 3.02
CA GLY A 34 17.49 9.47 3.39
C GLY A 34 17.61 8.57 2.17
N ARG A 35 16.80 7.52 2.09
CA ARG A 35 16.78 6.67 0.90
C ARG A 35 15.39 6.75 0.31
N LEU A 36 15.30 7.21 -0.94
CA LEU A 36 14.04 7.53 -1.58
C LEU A 36 13.83 6.63 -2.78
N GLY A 37 12.64 6.02 -2.88
CA GLY A 37 12.27 5.22 -4.03
C GLY A 37 10.99 5.73 -4.63
N VAL A 38 10.92 5.87 -5.95
CA VAL A 38 9.72 6.39 -6.62
C VAL A 38 9.52 5.58 -7.89
N ALA A 39 8.30 5.11 -8.11
CA ALA A 39 7.91 4.58 -9.41
C ALA A 39 6.61 5.24 -9.78
N ALA A 40 6.47 5.59 -11.05
CA ALA A 40 5.16 6.03 -11.52
C ALA A 40 4.92 5.50 -12.92
N LEU A 41 3.65 5.32 -13.26
CA LEU A 41 3.23 4.87 -14.59
C LEU A 41 2.10 5.78 -15.06
N ASP A 42 2.28 6.38 -16.24
CA ASP A 42 1.22 7.16 -16.86
C ASP A 42 0.46 6.24 -17.80
N THR A 43 -0.77 5.85 -17.44
CA THR A 43 -1.41 4.84 -18.28
C THR A 43 -1.87 5.40 -19.63
N SER A 44 -1.81 6.72 -19.85
CA SER A 44 -2.16 7.26 -21.16
C SER A 44 -1.12 6.91 -22.23
N ASN A 45 0.14 6.71 -21.84
CA ASN A 45 1.17 6.55 -22.86
C ASN A 45 2.31 5.64 -22.43
N GLY A 46 2.17 4.90 -21.32
CA GLY A 46 3.19 3.97 -20.89
C GLY A 46 4.38 4.60 -20.19
N THR A 47 4.44 5.93 -20.07
CA THR A 47 5.64 6.57 -19.52
C THR A 47 5.88 6.07 -18.10
N ARG A 48 7.13 5.71 -17.79
CA ARG A 48 7.47 5.33 -16.43
C ARG A 48 8.50 6.29 -15.83
N ILE A 49 8.24 6.69 -14.59
CA ILE A 49 9.24 7.38 -13.77
C ILE A 49 9.86 6.34 -12.85
N ALA A 50 11.19 6.35 -12.76
CA ALA A 50 11.94 5.38 -11.98
C ALA A 50 13.01 6.12 -11.20
N HIS A 51 12.93 6.06 -9.88
CA HIS A 51 13.98 6.59 -9.01
C HIS A 51 14.27 5.49 -7.98
N HIS A 52 15.40 4.80 -8.15
CA HIS A 52 15.69 3.58 -7.39
C HIS A 52 14.51 2.62 -7.43
N ALA A 53 13.85 2.56 -8.59
CA ALA A 53 12.59 1.82 -8.67
C ALA A 53 12.78 0.30 -8.66
N ARG A 54 14.00 -0.20 -8.84
N ARG A 54 14.00 -0.20 -8.84
CA ARG A 54 14.24 -1.63 -8.77
CA ARG A 54 14.26 -1.63 -8.78
C ARG A 54 15.04 -2.04 -7.54
C ARG A 54 14.92 -2.07 -7.47
N GLU A 55 15.12 -1.18 -6.52
CA GLU A 55 15.68 -1.52 -5.23
C GLU A 55 14.54 -1.85 -4.29
N ARG A 56 14.82 -2.73 -3.32
CA ARG A 56 13.77 -3.10 -2.38
C ARG A 56 13.59 -2.02 -1.31
N PHE A 57 12.33 -1.78 -0.94
CA PHE A 57 11.91 -0.91 0.14
C PHE A 57 10.88 -1.61 1.03
N PRO A 58 10.72 -1.17 2.27
CA PRO A 58 9.75 -1.83 3.15
C PRO A 58 8.31 -1.64 2.67
N LEU A 59 7.56 -2.73 2.70
CA LEU A 59 6.13 -2.63 2.39
C LEU A 59 5.37 -1.83 3.44
N CYS A 60 5.73 -2.00 4.71
CA CYS A 60 4.86 -1.63 5.84
C CYS A 60 3.42 -2.00 5.54
N GLY A 61 2.46 -1.15 5.92
CA GLY A 61 1.03 -1.46 5.78
C GLY A 61 0.52 -1.59 4.35
N THR A 62 1.35 -1.27 3.34
CA THR A 62 0.86 -1.40 1.98
C THR A 62 0.62 -2.85 1.57
N TYR A 63 1.11 -3.84 2.36
CA TYR A 63 0.74 -5.22 2.05
C TYR A 63 -0.78 -5.40 2.07
N ALA A 64 -1.49 -4.53 2.79
CA ALA A 64 -2.93 -4.69 2.99
C ALA A 64 -3.68 -4.68 1.67
N VAL A 65 -3.17 -3.96 0.67
CA VAL A 65 -3.80 -3.98 -0.66
C VAL A 65 -3.87 -5.41 -1.19
N VAL A 66 -2.74 -6.14 -1.10
CA VAL A 66 -2.70 -7.51 -1.61
C VAL A 66 -3.52 -8.45 -0.71
N ALA A 67 -3.43 -8.27 0.61
CA ALA A 67 -4.22 -9.10 1.52
C ALA A 67 -5.72 -8.92 1.28
N ALA A 68 -6.18 -7.68 1.14
CA ALA A 68 -7.59 -7.47 0.84
C ALA A 68 -7.97 -8.06 -0.51
N ALA A 69 -7.08 -7.94 -1.52
CA ALA A 69 -7.38 -8.54 -2.81
C ALA A 69 -7.50 -10.06 -2.69
N ALA A 70 -6.62 -10.67 -1.87
CA ALA A 70 -6.70 -12.12 -1.71
C ALA A 70 -8.03 -12.53 -1.09
N ILE A 71 -8.51 -11.74 -0.12
CA ILE A 71 -9.81 -12.01 0.47
C ILE A 71 -10.89 -11.90 -0.59
N LEU A 72 -10.82 -10.83 -1.39
CA LEU A 72 -11.84 -10.59 -2.41
C LEU A 72 -11.85 -11.70 -3.46
N ALA A 73 -10.67 -12.19 -3.89
CA ALA A 73 -10.65 -13.27 -4.88
C ALA A 73 -11.37 -14.49 -4.36
N ARG A 74 -11.23 -14.77 -3.07
CA ARG A 74 -11.94 -15.90 -2.47
C ARG A 74 -13.43 -15.60 -2.35
N ALA A 75 -13.76 -14.36 -1.99
CA ALA A 75 -15.16 -13.96 -1.88
C ALA A 75 -15.91 -14.13 -3.20
N SER A 76 -15.23 -13.99 -4.34
CA SER A 76 -15.89 -14.19 -5.63
CA SER A 76 -15.91 -14.17 -5.62
C SER A 76 -16.45 -15.59 -5.77
N LEU A 77 -15.81 -16.56 -5.12
CA LEU A 77 -16.24 -17.95 -5.20
C LEU A 77 -17.01 -18.40 -3.96
N ASP A 78 -17.06 -17.57 -2.91
CA ASP A 78 -17.66 -17.96 -1.64
C ASP A 78 -18.46 -16.77 -1.13
N ALA A 79 -19.78 -16.80 -1.37
CA ALA A 79 -20.66 -15.71 -0.94
C ALA A 79 -20.83 -15.61 0.59
N SER A 80 -20.36 -16.60 1.35
CA SER A 80 -20.45 -16.50 2.80
C SER A 80 -19.26 -15.76 3.41
N LEU A 81 -18.23 -15.45 2.63
CA LEU A 81 -16.97 -14.99 3.22
C LEU A 81 -17.05 -13.53 3.71
N LEU A 82 -17.40 -12.59 2.83
CA LEU A 82 -17.43 -11.19 3.28
C LEU A 82 -18.39 -10.94 4.46
N PRO A 83 -19.59 -11.54 4.52
CA PRO A 83 -20.45 -11.30 5.70
C PRO A 83 -20.14 -12.17 6.90
N ARG A 84 -19.13 -13.04 6.83
CA ARG A 84 -18.79 -13.91 7.95
CA ARG A 84 -18.80 -13.91 7.96
C ARG A 84 -18.31 -13.07 9.14
N ARG A 85 -18.91 -13.31 10.30
CA ARG A 85 -18.57 -12.58 11.51
C ARG A 85 -17.45 -13.31 12.24
N ILE A 86 -16.35 -12.59 12.50
CA ILE A 86 -15.21 -13.10 13.24
C ILE A 86 -15.33 -12.63 14.68
N LEU A 87 -15.43 -13.57 15.61
CA LEU A 87 -15.38 -13.26 17.02
C LEU A 87 -13.92 -13.33 17.46
N TYR A 88 -13.43 -12.28 18.11
CA TYR A 88 -12.05 -12.25 18.56
C TYR A 88 -12.02 -11.66 19.97
N ARG A 89 -10.98 -12.02 20.73
CA ARG A 89 -10.75 -11.49 22.07
C ARG A 89 -9.81 -10.30 21.99
N ARG A 90 -9.76 -9.49 23.05
CA ARG A 90 -8.98 -8.25 22.91
C ARG A 90 -7.48 -8.54 22.80
N TYR A 91 -7.02 -9.68 23.32
CA TYR A 91 -5.60 -10.01 23.21
C TYR A 91 -5.21 -10.52 21.83
N GLU A 92 -6.20 -10.73 20.95
CA GLU A 92 -5.96 -11.14 19.58
C GLU A 92 -5.77 -9.97 18.64
N VAL A 93 -5.93 -8.73 19.11
CA VAL A 93 -5.61 -7.57 18.27
C VAL A 93 -4.49 -6.78 18.94
N VAL A 94 -3.35 -6.71 18.26
CA VAL A 94 -2.17 -6.03 18.80
C VAL A 94 -2.42 -4.53 18.88
N ALA A 95 -1.58 -3.84 19.65
CA ALA A 95 -1.58 -2.38 19.63
C ALA A 95 -1.60 -1.86 18.20
N GLY A 96 -2.27 -0.73 17.99
CA GLY A 96 -2.47 -0.20 16.65
C GLY A 96 -3.76 -0.64 15.99
N SER A 97 -4.81 -0.88 16.76
CA SER A 97 -6.04 -1.53 16.27
C SER A 97 -7.24 -0.69 16.68
N PRO A 98 -7.34 0.54 16.16
CA PRO A 98 -8.39 1.43 16.68
C PRO A 98 -9.79 0.94 16.40
N VAL A 99 -10.03 0.26 15.29
CA VAL A 99 -11.38 -0.19 14.98
C VAL A 99 -11.68 -1.52 15.66
N THR A 100 -10.79 -2.51 15.50
CA THR A 100 -11.09 -3.81 16.09
C THR A 100 -11.16 -3.72 17.63
N GLU A 101 -10.34 -2.87 18.26
CA GLU A 101 -10.51 -2.68 19.71
C GLU A 101 -11.92 -2.19 20.03
N SER A 102 -12.47 -1.30 19.20
CA SER A 102 -13.74 -0.68 19.55
C SER A 102 -14.92 -1.63 19.35
N HIS A 103 -14.74 -2.70 18.58
CA HIS A 103 -15.82 -3.66 18.33
C HIS A 103 -15.55 -5.01 18.96
N VAL A 104 -14.67 -5.06 19.94
CA VAL A 104 -14.30 -6.35 20.51
C VAL A 104 -15.52 -7.07 21.12
N ASP A 105 -16.53 -6.31 21.57
CA ASP A 105 -17.70 -6.94 22.19
C ASP A 105 -18.59 -7.67 21.18
N THR A 106 -18.60 -7.25 19.91
CA THR A 106 -19.46 -7.86 18.91
C THR A 106 -18.74 -8.72 17.90
N GLY A 107 -17.41 -8.60 17.80
CA GLY A 107 -16.71 -9.11 16.62
C GLY A 107 -17.01 -8.20 15.43
N MET A 108 -16.46 -8.58 14.27
CA MET A 108 -16.64 -7.80 13.05
C MET A 108 -16.72 -8.77 11.87
N THR A 109 -17.38 -8.34 10.80
CA THR A 109 -17.39 -9.20 9.61
C THR A 109 -16.06 -9.11 8.87
N ILE A 110 -15.82 -10.09 8.01
CA ILE A 110 -14.60 -10.07 7.22
CA ILE A 110 -14.61 -10.08 7.19
C ILE A 110 -14.53 -8.80 6.37
N ALA A 111 -15.66 -8.39 5.79
CA ALA A 111 -15.69 -7.14 5.03
C ALA A 111 -15.34 -5.94 5.93
N GLN A 112 -15.89 -5.90 7.13
CA GLN A 112 -15.58 -4.80 8.04
C GLN A 112 -14.10 -4.78 8.40
N LEU A 113 -13.49 -5.96 8.56
CA LEU A 113 -12.06 -6.04 8.83
C LEU A 113 -11.24 -5.53 7.66
N CYS A 114 -11.63 -5.89 6.43
CA CYS A 114 -10.95 -5.35 5.26
C CYS A 114 -10.99 -3.83 5.24
N ALA A 115 -12.16 -3.25 5.48
CA ALA A 115 -12.25 -1.79 5.49
C ALA A 115 -11.38 -1.19 6.58
N ALA A 116 -11.39 -1.78 7.78
CA ALA A 116 -10.60 -1.28 8.89
C ALA A 116 -9.09 -1.39 8.61
N MET A 117 -8.66 -2.51 8.06
CA MET A 117 -7.24 -2.67 7.72
C MET A 117 -6.82 -1.64 6.67
N LEU A 118 -7.65 -1.40 5.66
CA LEU A 118 -7.22 -0.50 4.57
C LEU A 118 -7.39 0.97 4.93
N GLN A 119 -8.46 1.32 5.63
CA GLN A 119 -8.80 2.73 5.87
C GLN A 119 -8.19 3.27 7.15
N SER A 120 -8.01 2.42 8.16
CA SER A 120 -7.59 2.87 9.48
C SER A 120 -6.26 2.26 9.92
N GLY A 121 -5.57 1.53 9.04
CA GLY A 121 -4.32 0.89 9.42
C GLY A 121 -4.44 -0.06 10.60
N ASP A 122 -5.61 -0.71 10.74
CA ASP A 122 -5.89 -1.51 11.93
C ASP A 122 -5.05 -2.77 11.87
N LYS A 123 -4.07 -2.88 12.77
CA LYS A 123 -3.11 -3.99 12.69
C LYS A 123 -3.76 -5.31 13.11
N GLY A 124 -4.65 -5.27 14.10
CA GLY A 124 -5.38 -6.47 14.46
C GLY A 124 -6.23 -7.00 13.32
N ALA A 125 -6.91 -6.09 12.61
CA ALA A 125 -7.66 -6.53 11.44
C ALA A 125 -6.75 -7.23 10.43
N GLY A 126 -5.56 -6.67 10.19
CA GLY A 126 -4.62 -7.31 9.29
C GLY A 126 -4.24 -8.71 9.73
N ASN A 127 -3.94 -8.88 11.02
CA ASN A 127 -3.59 -10.22 11.50
C ASN A 127 -4.77 -11.17 11.45
N LEU A 128 -5.98 -10.69 11.80
CA LEU A 128 -7.16 -11.55 11.70
C LEU A 128 -7.38 -12.01 10.26
N LEU A 129 -7.22 -11.10 9.30
CA LEU A 129 -7.42 -11.49 7.91
C LEU A 129 -6.30 -12.41 7.44
N MET A 130 -5.06 -12.15 7.87
CA MET A 130 -4.00 -13.10 7.52
C MET A 130 -4.27 -14.47 8.14
N ASN A 131 -4.90 -14.51 9.32
CA ASN A 131 -5.28 -15.81 9.86
CA ASN A 131 -5.34 -15.80 9.90
C ASN A 131 -6.24 -16.53 8.92
N VAL A 132 -7.21 -15.81 8.37
CA VAL A 132 -8.14 -16.41 7.40
C VAL A 132 -7.40 -16.92 6.17
N LEU A 133 -6.43 -16.13 5.66
CA LEU A 133 -5.78 -16.43 4.39
C LEU A 133 -4.75 -17.56 4.47
N GLY A 134 -4.10 -17.70 5.62
CA GLY A 134 -3.00 -18.63 5.73
C GLY A 134 -1.67 -17.95 6.01
N GLY A 135 -1.69 -16.80 6.65
CA GLY A 135 -0.47 -16.15 7.07
C GLY A 135 0.12 -15.21 6.02
N PRO A 136 1.19 -14.51 6.39
CA PRO A 136 1.86 -13.64 5.40
C PRO A 136 2.31 -14.39 4.15
N GLN A 137 2.65 -15.68 4.26
CA GLN A 137 3.03 -16.41 3.07
C GLN A 137 1.85 -16.54 2.11
N ALA A 138 0.62 -16.55 2.62
CA ALA A 138 -0.54 -16.62 1.74
C ALA A 138 -0.76 -15.29 1.02
N VAL A 139 -0.45 -14.17 1.67
CA VAL A 139 -0.48 -12.90 0.96
C VAL A 139 0.56 -12.90 -0.15
N THR A 140 1.76 -13.41 0.13
CA THR A 140 2.81 -13.51 -0.88
C THR A 140 2.41 -14.42 -2.03
N ALA A 141 1.80 -15.57 -1.72
CA ALA A 141 1.39 -16.49 -2.78
C ALA A 141 0.35 -15.84 -3.69
N PHE A 142 -0.54 -15.02 -3.13
CA PHE A 142 -1.51 -14.35 -4.00
C PHE A 142 -0.81 -13.34 -4.90
N ALA A 143 0.11 -12.55 -4.36
CA ALA A 143 0.90 -11.66 -5.19
C ALA A 143 1.58 -12.43 -6.32
N HIS A 144 2.21 -13.56 -5.99
CA HIS A 144 2.98 -14.33 -6.96
C HIS A 144 2.06 -14.85 -8.06
N GLU A 145 0.89 -15.36 -7.69
CA GLU A 145 -0.03 -15.87 -8.71
C GLU A 145 -0.56 -14.76 -9.60
N SER A 146 -0.69 -13.55 -9.06
CA SER A 146 -1.16 -12.42 -9.85
C SER A 146 -0.08 -11.88 -10.78
N GLY A 147 1.14 -12.38 -10.72
CA GLY A 147 2.20 -11.96 -11.62
C GLY A 147 3.33 -11.17 -10.98
N ASP A 148 3.31 -11.01 -9.68
CA ASP A 148 4.30 -10.20 -8.96
C ASP A 148 5.26 -11.17 -8.30
N THR A 149 6.44 -11.34 -8.88
CA THR A 149 7.41 -12.26 -8.31
C THR A 149 8.42 -11.54 -7.42
N VAL A 150 8.19 -10.28 -7.11
CA VAL A 150 9.10 -9.46 -6.31
C VAL A 150 8.61 -9.31 -4.88
N PHE A 151 7.33 -9.03 -4.71
CA PHE A 151 6.69 -8.84 -3.42
C PHE A 151 6.98 -10.00 -2.47
N ARG A 152 7.34 -9.70 -1.23
CA ARG A 152 7.40 -10.76 -0.21
C ARG A 152 6.94 -10.19 1.12
N LEU A 153 5.92 -10.82 1.69
CA LEU A 153 5.48 -10.55 3.06
C LEU A 153 5.90 -11.74 3.90
N ASP A 154 6.69 -11.47 4.93
CA ASP A 154 7.33 -12.52 5.72
C ASP A 154 6.78 -12.62 7.13
N ARG A 155 6.28 -11.52 7.69
CA ARG A 155 5.98 -11.45 9.10
C ARG A 155 4.56 -10.94 9.31
N TRP A 156 4.09 -11.12 10.54
CA TRP A 156 2.80 -10.61 10.97
C TRP A 156 2.92 -9.19 11.50
N GLU A 157 1.78 -8.57 11.79
CA GLU A 157 1.80 -7.29 12.49
C GLU A 157 2.22 -7.51 13.94
N PRO A 158 3.10 -6.64 14.51
CA PRO A 158 3.64 -5.42 13.88
C PRO A 158 5.05 -5.58 13.34
N GLU A 159 5.65 -6.76 13.51
CA GLU A 159 7.07 -6.91 13.20
C GLU A 159 7.37 -6.71 11.72
N LEU A 160 6.39 -6.93 10.85
CA LEU A 160 6.64 -6.72 9.42
C LEU A 160 7.04 -5.28 9.11
N ASN A 161 6.80 -4.34 10.03
CA ASN A 161 7.12 -2.93 9.82
C ASN A 161 8.47 -2.53 10.37
N ARG A 162 9.33 -3.47 10.77
CA ARG A 162 10.57 -3.02 11.42
C ARG A 162 11.47 -2.25 10.46
N ALA A 163 11.49 -2.63 9.18
CA ALA A 163 12.14 -1.85 8.12
C ALA A 163 13.64 -1.68 8.34
N ALA A 164 14.31 -2.76 8.77
CA ALA A 164 15.74 -2.66 9.06
C ALA A 164 16.54 -2.53 7.76
N PRO A 165 17.57 -1.69 7.74
CA PRO A 165 18.42 -1.57 6.54
C PRO A 165 18.95 -2.92 6.06
N GLY A 166 18.89 -3.12 4.76
CA GLY A 166 19.42 -4.34 4.16
C GLY A 166 18.45 -5.50 4.10
N ASP A 167 17.52 -5.54 5.06
CA ASP A 167 16.64 -6.68 5.26
C ASP A 167 15.66 -6.75 4.10
N GLU A 168 15.59 -7.91 3.43
CA GLU A 168 14.66 -8.06 2.34
C GLU A 168 13.32 -8.62 2.77
N ARG A 169 13.16 -9.02 4.03
CA ARG A 169 11.85 -9.45 4.48
C ARG A 169 10.86 -8.29 4.40
N ASP A 170 9.62 -8.61 4.04
CA ASP A 170 8.54 -7.61 4.01
C ASP A 170 8.86 -6.42 3.11
N THR A 171 9.32 -6.70 1.88
CA THR A 171 9.70 -5.66 0.92
C THR A 171 9.11 -5.91 -0.45
N SER A 172 9.15 -4.87 -1.27
CA SER A 172 9.00 -5.03 -2.71
C SER A 172 9.77 -3.89 -3.37
N THR A 173 9.79 -3.88 -4.72
CA THR A 173 10.40 -2.75 -5.40
C THR A 173 9.32 -1.75 -5.81
N PRO A 174 9.61 -0.45 -5.85
CA PRO A 174 8.58 0.50 -6.32
C PRO A 174 7.94 0.11 -7.65
N VAL A 175 8.71 -0.37 -8.63
CA VAL A 175 8.10 -0.68 -9.92
C VAL A 175 7.16 -1.89 -9.79
N ALA A 176 7.54 -2.89 -8.98
CA ALA A 176 6.61 -4.00 -8.78
C ALA A 176 5.37 -3.54 -8.02
N MET A 177 5.52 -2.60 -7.09
CA MET A 177 4.36 -2.10 -6.38
C MET A 177 3.39 -1.42 -7.33
N VAL A 178 3.91 -0.65 -8.29
CA VAL A 178 3.07 0.02 -9.28
C VAL A 178 2.35 -1.02 -10.15
N ASP A 179 3.10 -2.00 -10.66
CA ASP A 179 2.50 -2.98 -11.55
C ASP A 179 1.40 -3.76 -10.84
N THR A 180 1.64 -4.17 -9.60
CA THR A 180 0.63 -4.93 -8.88
C THR A 180 -0.59 -4.07 -8.60
N LEU A 181 -0.37 -2.82 -8.20
CA LEU A 181 -1.54 -1.99 -7.91
C LEU A 181 -2.35 -1.73 -9.18
N GLN A 182 -1.68 -1.57 -10.33
CA GLN A 182 -2.45 -1.35 -11.56
C GLN A 182 -3.27 -2.58 -11.90
N ARG A 183 -2.67 -3.77 -11.76
CA ARG A 183 -3.43 -4.99 -12.08
C ARG A 183 -4.64 -5.12 -11.19
N LEU A 184 -4.51 -4.72 -9.91
CA LEU A 184 -5.58 -4.91 -8.96
C LEU A 184 -6.70 -3.89 -9.13
N LEU A 185 -6.35 -2.60 -9.29
CA LEU A 185 -7.36 -1.53 -9.35
C LEU A 185 -7.78 -1.14 -10.75
N LEU A 186 -6.97 -1.42 -11.76
CA LEU A 186 -7.24 -1.02 -13.12
C LEU A 186 -7.34 -2.20 -14.07
N GLY A 187 -6.67 -3.31 -13.76
CA GLY A 187 -6.55 -4.47 -14.63
C GLY A 187 -7.54 -5.56 -14.26
N ASP A 188 -7.19 -6.81 -14.60
CA ASP A 188 -8.13 -7.92 -14.54
CA ASP A 188 -8.15 -7.90 -14.52
C ASP A 188 -7.75 -8.98 -13.52
N THR A 189 -6.90 -8.66 -12.55
CA THR A 189 -6.56 -9.64 -11.51
C THR A 189 -7.83 -10.13 -10.81
N LEU A 190 -8.71 -9.20 -10.47
CA LEU A 190 -9.96 -9.46 -9.79
C LEU A 190 -11.12 -9.33 -10.76
N GLN A 191 -12.22 -9.99 -10.44
CA GLN A 191 -13.49 -9.74 -11.12
CA GLN A 191 -13.43 -9.71 -11.19
C GLN A 191 -13.86 -8.28 -10.94
N GLN A 192 -14.67 -7.75 -11.87
CA GLN A 192 -14.97 -6.33 -11.85
C GLN A 192 -15.67 -5.90 -10.57
N ALA A 193 -16.61 -6.70 -10.07
CA ALA A 193 -17.28 -6.33 -8.82
C ALA A 193 -16.29 -6.23 -7.67
N GLN A 194 -15.28 -7.11 -7.66
CA GLN A 194 -14.33 -7.10 -6.55
C GLN A 194 -13.29 -6.00 -6.73
N ARG A 195 -12.88 -5.74 -7.97
CA ARG A 195 -12.05 -4.57 -8.25
C ARG A 195 -12.71 -3.29 -7.76
N ALA A 196 -14.01 -3.13 -8.03
CA ALA A 196 -14.73 -1.96 -7.56
C ALA A 196 -14.73 -1.88 -6.04
N GLN A 197 -14.89 -3.02 -5.38
CA GLN A 197 -14.94 -3.02 -3.91
C GLN A 197 -13.59 -2.65 -3.30
N LEU A 198 -12.51 -3.20 -3.85
CA LEU A 198 -11.20 -2.79 -3.39
C LEU A 198 -10.98 -1.30 -3.62
N THR A 199 -11.42 -0.79 -4.78
CA THR A 199 -11.28 0.64 -5.05
C THR A 199 -12.05 1.46 -4.04
N ASP A 200 -13.30 1.05 -3.75
CA ASP A 200 -14.09 1.80 -2.79
C ASP A 200 -13.43 1.80 -1.41
N TRP A 201 -12.86 0.66 -0.98
CA TRP A 201 -12.21 0.63 0.32
C TRP A 201 -10.99 1.56 0.38
N MET A 202 -10.29 1.73 -0.74
CA MET A 202 -9.08 2.52 -0.77
C MET A 202 -9.33 3.98 -1.08
N THR A 203 -10.56 4.36 -1.39
CA THR A 203 -10.89 5.76 -1.61
C THR A 203 -11.65 6.36 -0.44
N ALA A 204 -12.12 5.52 0.49
CA ALA A 204 -12.76 6.00 1.72
C ALA A 204 -11.79 5.88 2.89
N ALA A 209 -4.86 13.34 4.20
CA ALA A 209 -4.44 14.71 3.87
C ALA A 209 -2.92 14.87 3.67
N THR A 210 -2.12 13.88 4.07
CA THR A 210 -0.67 13.94 3.96
C THR A 210 -0.17 12.87 2.98
N GLY A 211 1.12 12.94 2.67
CA GLY A 211 1.70 11.94 1.80
C GLY A 211 1.28 12.19 0.36
N ILE A 212 0.97 11.11 -0.35
CA ILE A 212 0.60 11.24 -1.76
C ILE A 212 -0.59 12.19 -1.93
N ALA A 213 -1.59 12.09 -1.04
CA ALA A 213 -2.78 12.91 -1.16
C ALA A 213 -2.44 14.40 -1.13
N ALA A 214 -1.36 14.78 -0.44
CA ALA A 214 -1.01 16.18 -0.35
C ALA A 214 -0.19 16.66 -1.55
N GLY A 215 0.26 15.75 -2.41
CA GLY A 215 1.06 16.12 -3.56
C GLY A 215 0.36 16.09 -4.91
N VAL A 216 -0.84 15.52 -4.98
CA VAL A 216 -1.54 15.40 -6.25
C VAL A 216 -2.32 16.68 -6.57
N PRO A 217 -2.70 16.90 -7.83
CA PRO A 217 -3.46 18.10 -8.16
C PRO A 217 -4.78 18.15 -7.43
N PRO A 218 -5.25 19.34 -7.04
CA PRO A 218 -6.55 19.44 -6.38
C PRO A 218 -7.66 18.86 -7.25
N GLY A 219 -8.66 18.28 -6.58
CA GLY A 219 -9.71 17.61 -7.30
C GLY A 219 -9.38 16.22 -7.79
N SER A 220 -8.14 15.74 -7.62
CA SER A 220 -7.83 14.37 -8.03
C SER A 220 -8.61 13.38 -7.19
N ARG A 221 -9.07 12.33 -7.85
CA ARG A 221 -9.54 11.14 -7.16
CA ARG A 221 -9.54 11.13 -7.17
C ARG A 221 -8.33 10.27 -6.84
N VAL A 222 -8.26 9.80 -5.59
CA VAL A 222 -7.10 9.04 -5.12
C VAL A 222 -7.58 7.76 -4.45
N ALA A 223 -7.08 6.62 -4.92
CA ALA A 223 -7.20 5.32 -4.25
C ALA A 223 -5.82 5.00 -3.72
N ALA A 224 -5.66 4.95 -2.39
CA ALA A 224 -4.31 4.87 -1.84
C ALA A 224 -4.29 4.05 -0.55
N LYS A 225 -3.09 3.55 -0.24
CA LYS A 225 -2.79 2.94 1.06
C LYS A 225 -1.41 3.38 1.53
N ARG A 226 -1.34 3.85 2.77
CA ARG A 226 -0.08 4.27 3.34
C ARG A 226 0.38 3.23 4.35
N GLY A 227 1.70 3.15 4.52
CA GLY A 227 2.28 2.35 5.59
C GLY A 227 3.42 3.11 6.23
N THR A 228 3.68 2.80 7.51
CA THR A 228 4.80 3.42 8.20
C THR A 228 5.52 2.35 9.02
N GLY A 229 6.75 2.66 9.44
CA GLY A 229 7.53 1.63 10.08
C GLY A 229 8.69 2.21 10.87
N GLY A 230 9.57 1.31 11.29
CA GLY A 230 10.81 1.73 11.92
C GLY A 230 11.70 2.44 10.92
N TYR A 231 12.80 2.99 11.44
CA TYR A 231 13.72 3.77 10.62
C TYR A 231 13.00 4.91 9.88
N GLY A 232 11.98 5.47 10.53
CA GLY A 232 11.25 6.61 9.96
C GLY A 232 10.71 6.33 8.57
N THR A 233 10.25 5.11 8.34
CA THR A 233 9.86 4.69 6.99
C THR A 233 8.43 5.09 6.71
N THR A 234 8.20 5.64 5.51
CA THR A 234 6.87 5.83 4.96
CA THR A 234 6.87 5.82 4.96
C THR A 234 6.85 5.19 3.57
N THR A 235 5.87 4.33 3.34
CA THR A 235 5.67 3.72 2.01
C THR A 235 4.20 3.92 1.65
N GLU A 236 3.94 4.40 0.45
CA GLU A 236 2.57 4.70 0.02
CA GLU A 236 2.57 4.65 0.03
C GLU A 236 2.41 4.28 -1.43
N VAL A 237 1.24 3.70 -1.76
CA VAL A 237 0.93 3.36 -3.13
C VAL A 237 -0.42 3.97 -3.45
N ALA A 238 -0.61 4.34 -4.71
CA ALA A 238 -1.87 5.01 -5.05
C ALA A 238 -2.13 4.91 -6.55
N VAL A 239 -3.42 4.90 -6.91
CA VAL A 239 -3.85 5.26 -8.25
C VAL A 239 -4.44 6.65 -8.14
N VAL A 240 -4.01 7.55 -9.01
CA VAL A 240 -4.42 8.96 -9.00
C VAL A 240 -5.08 9.26 -10.34
N TRP A 241 -6.31 9.76 -10.28
CA TRP A 241 -7.05 10.22 -11.45
C TRP A 241 -7.12 11.75 -11.36
N PRO A 242 -6.19 12.47 -11.97
CA PRO A 242 -6.29 13.93 -11.96
C PRO A 242 -7.54 14.37 -12.72
N PRO A 243 -8.09 15.55 -12.39
CA PRO A 243 -9.35 15.95 -13.03
C PRO A 243 -9.31 15.78 -14.54
N SER A 244 -10.26 15.01 -15.07
CA SER A 244 -10.40 14.77 -16.51
C SER A 244 -9.08 14.35 -17.13
N ARG A 245 -8.38 13.42 -16.47
CA ARG A 245 -7.10 12.92 -16.96
C ARG A 245 -7.04 11.42 -16.72
N ALA A 246 -6.28 10.72 -17.57
CA ALA A 246 -6.08 9.28 -17.42
C ALA A 246 -5.28 8.97 -16.16
N PRO A 247 -5.50 7.80 -15.58
CA PRO A 247 -4.93 7.51 -14.26
C PRO A 247 -3.42 7.37 -14.30
N ILE A 248 -2.80 7.83 -13.21
CA ILE A 248 -1.39 7.62 -12.94
C ILE A 248 -1.28 6.68 -11.75
N VAL A 249 -0.40 5.67 -11.86
CA VAL A 249 -0.12 4.73 -10.78
C VAL A 249 1.21 5.12 -10.16
N LEU A 250 1.27 5.14 -8.82
CA LEU A 250 2.38 5.74 -8.10
C LEU A 250 2.78 4.91 -6.89
N ALA A 251 4.08 4.75 -6.67
CA ALA A 251 4.55 4.12 -5.44
C ALA A 251 5.73 4.94 -4.93
N VAL A 252 5.72 5.29 -3.64
CA VAL A 252 6.77 6.11 -3.07
C VAL A 252 7.22 5.47 -1.76
N SER A 253 8.52 5.40 -1.53
CA SER A 253 8.96 4.96 -0.22
C SER A 253 10.13 5.82 0.22
N PHE A 254 10.12 6.19 1.49
CA PHE A 254 11.22 6.96 2.04
C PHE A 254 11.63 6.32 3.36
N THR A 255 12.92 6.04 3.52
CA THR A 255 13.38 5.39 4.74
C THR A 255 14.71 6.01 5.12
N GLN A 256 15.00 5.99 6.42
CA GLN A 256 16.10 6.79 6.95
C GLN A 256 17.12 5.92 7.68
N ALA A 257 18.23 6.55 8.05
CA ALA A 257 19.38 5.81 8.58
C ALA A 257 19.23 5.43 10.04
N GLN A 258 18.54 6.26 10.83
CA GLN A 258 18.47 6.09 12.27
C GLN A 258 17.18 5.40 12.64
N ALA A 259 17.29 4.38 13.51
CA ALA A 259 16.16 3.52 13.80
C ALA A 259 14.99 4.27 14.42
N ASP A 260 15.25 5.35 15.14
CA ASP A 260 14.20 6.09 15.82
C ASP A 260 13.75 7.34 15.05
N ALA A 261 14.11 7.45 13.77
CA ALA A 261 13.83 8.67 13.01
C ALA A 261 12.33 8.90 12.92
N ALA A 262 11.96 10.17 12.77
CA ALA A 262 10.58 10.58 12.55
C ALA A 262 10.20 10.47 11.08
N ALA A 263 8.99 9.97 10.82
CA ALA A 263 8.50 9.90 9.46
C ALA A 263 8.51 11.28 8.81
N ARG A 264 8.71 11.29 7.50
CA ARG A 264 8.77 12.52 6.71
C ARG A 264 7.70 12.43 5.61
N ALA A 265 6.42 12.55 5.99
CA ALA A 265 5.39 12.46 4.97
C ALA A 265 5.49 13.57 3.93
N ASP A 266 6.13 14.69 4.27
CA ASP A 266 6.29 15.78 3.30
C ASP A 266 7.19 15.38 2.15
N VAL A 267 8.16 14.49 2.40
CA VAL A 267 9.03 14.00 1.33
C VAL A 267 8.21 13.17 0.34
N VAL A 268 7.31 12.34 0.86
CA VAL A 268 6.41 11.55 0.01
C VAL A 268 5.52 12.46 -0.81
N ALA A 269 4.93 13.48 -0.16
CA ALA A 269 4.11 14.44 -0.88
C ALA A 269 4.91 15.15 -1.98
N SER A 270 6.16 15.53 -1.68
CA SER A 270 6.96 16.21 -2.68
CA SER A 270 6.96 16.21 -2.69
C SER A 270 7.26 15.29 -3.87
N ALA A 271 7.58 14.02 -3.59
CA ALA A 271 7.81 13.07 -4.68
C ALA A 271 6.54 12.90 -5.53
N ALA A 272 5.37 12.84 -4.88
CA ALA A 272 4.13 12.69 -5.64
C ALA A 272 3.84 13.94 -6.47
N ARG A 273 4.15 15.11 -5.94
CA ARG A 273 3.92 16.35 -6.68
C ARG A 273 4.83 16.42 -7.90
N ILE A 274 6.10 16.04 -7.73
CA ILE A 274 7.03 16.06 -8.85
C ILE A 274 6.60 15.07 -9.93
N ALA A 275 6.25 13.84 -9.52
CA ALA A 275 5.93 12.80 -10.48
C ALA A 275 4.63 13.10 -11.23
N THR A 276 3.56 13.47 -10.52
CA THR A 276 2.33 13.79 -11.24
C THR A 276 2.49 15.05 -12.07
N GLY A 277 3.29 16.01 -11.62
CA GLY A 277 3.52 17.20 -12.42
C GLY A 277 4.29 16.90 -13.69
N ALA A 278 5.21 15.94 -13.61
CA ALA A 278 6.02 15.60 -14.78
C ALA A 278 5.21 14.84 -15.83
N LEU A 279 4.17 14.15 -15.41
CA LEU A 279 3.35 13.38 -16.34
C LEU A 279 2.19 14.21 -16.89
N THR A 280 1.91 15.36 -16.31
CA THR A 280 0.76 16.17 -16.69
C THR A 280 1.20 17.56 -17.12
C1 EDO B . -24.58 -9.98 11.32
O1 EDO B . -23.51 -9.36 10.60
C2 EDO B . -24.47 -11.49 11.24
O2 EDO B . -23.42 -11.95 12.08
C1 EDO C . -11.00 5.13 14.36
O1 EDO C . -11.63 3.93 14.83
C2 EDO C . -10.01 4.81 13.25
O2 EDO C . -8.91 5.74 13.32
C1 EDO D . -2.63 -2.66 9.04
O1 EDO D . -2.85 -4.06 8.93
C2 EDO D . -2.05 -2.20 7.70
O2 EDO D . -1.97 -0.77 7.73
#